data_3OGD
#
_entry.id   3OGD
#
_cell.length_a   139.700
_cell.length_b   139.700
_cell.length_c   95.300
_cell.angle_alpha   90.000
_cell.angle_beta   90.000
_cell.angle_gamma   90.000
#
_symmetry.space_group_name_H-M   'I 41 2 2'
#
loop_
_entity.id
_entity.type
_entity.pdbx_description
1 polymer 'DNA-3-methyladenine glycosylase 2'
2 polymer "5'-D(*GP*CP*AP*GP*TP*CP*AP*TP*G)-3'"
3 polymer "5'-D(*CP*AP*(BRU)P*GP*AP*CP*(BRU)P*GP*C)-3'"
#
loop_
_entity_poly.entity_id
_entity_poly.type
_entity_poly.pdbx_seq_one_letter_code
_entity_poly.pdbx_strand_id
1 'polypeptide(L)'
;MADIGSEFYTLNWQPPYDWSWMLGFLAARAVSSVETVADSYYARSLAVGEYRGVVTAIPDIARHTLHINLSAGLEPVAAE
CLAKMSRLFDLQCNPQIVNGALGRLGAARPGLRLPGCVDAFEQGVRAILGQCVSVAMAAKLTARVAQLYGERLDDFPEYI
CFPTPQRLAAADPQALKALGMPLKRAEALIHLANAALEGTLPMTIPGDVEQAMKTLQTFPGIGRWTANYFALRGWQAKDV
FLPDDYLIKQRFPGMTPAQIRRYAERWKPWRSYALLHIWYTEGWQPDEA
;
A
2 'polydeoxyribonucleotide' (DG)(DC)(DA)(DG)(DT)(DC)(DA)(DT)(DG) B
3 'polydeoxyribonucleotide' (DC)(DA)(BRU)(DG)(DA)(DC)(BRU)(DG)(DC) C
#
loop_
_chem_comp.id
_chem_comp.type
_chem_comp.name
_chem_comp.formula
BRU DNA linking 5-BROMO-2'-DEOXYURIDINE-5'-MONOPHOSPHATE 'C9 H12 Br N2 O8 P'
DA DNA linking 2'-DEOXYADENOSINE-5'-MONOPHOSPHATE 'C10 H14 N5 O6 P'
DC DNA linking 2'-DEOXYCYTIDINE-5'-MONOPHOSPHATE 'C9 H14 N3 O7 P'
DG DNA linking 2'-DEOXYGUANOSINE-5'-MONOPHOSPHATE 'C10 H14 N5 O7 P'
DT DNA linking THYMIDINE-5'-MONOPHOSPHATE 'C10 H15 N2 O8 P'
#
# COMPACT_ATOMS: atom_id res chain seq x y z
N MET A 1 15.06 16.92 -7.74
CA MET A 1 15.03 17.11 -6.30
C MET A 1 14.92 18.59 -5.89
N ALA A 2 14.68 19.47 -6.86
CA ALA A 2 14.33 20.86 -6.53
C ALA A 2 12.88 20.93 -6.06
N ASP A 3 12.59 21.85 -5.16
CA ASP A 3 11.23 22.06 -4.71
C ASP A 3 10.26 22.02 -5.89
N ILE A 4 9.20 21.24 -5.74
CA ILE A 4 8.17 21.17 -6.77
C ILE A 4 7.02 22.14 -6.47
N GLY A 5 7.16 22.90 -5.39
CA GLY A 5 6.12 23.84 -5.01
C GLY A 5 6.57 24.76 -3.91
N SER A 6 5.77 25.80 -3.67
CA SER A 6 6.10 26.82 -2.68
C SER A 6 5.53 26.53 -1.29
N GLU A 7 4.44 25.77 -1.24
CA GLU A 7 3.84 25.39 0.04
C GLU A 7 4.48 24.16 0.69
N PHE A 8 4.74 24.29 1.98
CA PHE A 8 5.30 23.20 2.77
C PHE A 8 4.45 22.98 4.01
N TYR A 9 4.32 21.73 4.42
CA TYR A 9 3.47 21.38 5.55
C TYR A 9 4.22 20.38 6.41
N THR A 10 3.77 20.26 7.65
CA THR A 10 4.51 19.49 8.66
C THR A 10 3.57 18.52 9.32
N LEU A 11 3.96 17.24 9.33
CA LEU A 11 3.14 16.19 9.92
C LEU A 11 3.88 15.52 11.03
N ASN A 12 3.35 15.55 12.24
CA ASN A 12 4.07 14.97 13.36
C ASN A 12 3.87 13.46 13.39
N TRP A 13 4.80 12.73 14.02
CA TRP A 13 4.64 11.29 14.22
C TRP A 13 5.23 10.90 15.58
N GLN A 14 4.75 9.78 16.11
CA GLN A 14 5.17 9.27 17.40
C GLN A 14 6.32 8.24 17.28
N PRO A 15 7.48 8.55 17.87
CA PRO A 15 8.63 7.64 17.84
C PRO A 15 8.34 6.36 18.62
N PRO A 16 9.02 5.25 18.29
CA PRO A 16 10.05 5.08 17.26
C PRO A 16 9.47 4.90 15.87
N TYR A 17 10.25 5.21 14.85
CA TYR A 17 9.82 5.04 13.47
C TYR A 17 11.03 4.71 12.59
N ASP A 18 11.07 3.51 12.03
CA ASP A 18 12.13 3.12 11.11
C ASP A 18 11.82 3.62 9.69
N TRP A 19 12.33 4.81 9.39
CA TRP A 19 12.10 5.41 8.09
C TRP A 19 12.95 4.72 7.03
N SER A 20 14.12 4.26 7.42
CA SER A 20 15.02 3.60 6.49
C SER A 20 14.34 2.38 5.90
N TRP A 21 13.64 1.64 6.75
CA TRP A 21 12.88 0.47 6.31
C TRP A 21 11.66 0.85 5.47
N MET A 22 10.85 1.74 6.02
CA MET A 22 9.69 2.27 5.32
C MET A 22 10.06 2.62 3.88
N LEU A 23 11.09 3.43 3.71
CA LEU A 23 11.44 3.93 2.39
C LEU A 23 12.04 2.83 1.55
N GLY A 24 12.75 1.91 2.18
CA GLY A 24 13.26 0.76 1.47
C GLY A 24 12.08 0.08 0.81
N PHE A 25 11.11 -0.29 1.63
CA PHE A 25 9.92 -1.00 1.19
C PHE A 25 9.25 -0.31 0.02
N LEU A 26 9.05 0.99 0.13
CA LEU A 26 8.40 1.72 -0.93
C LEU A 26 9.25 1.76 -2.20
N ALA A 27 10.56 1.82 -2.05
CA ALA A 27 11.45 1.95 -3.20
C ALA A 27 11.50 0.69 -4.04
N ALA A 28 11.24 -0.45 -3.40
CA ALA A 28 11.24 -1.74 -4.09
C ALA A 28 10.00 -1.90 -4.96
N ARG A 29 8.97 -1.13 -4.65
CA ARG A 29 7.68 -1.20 -5.33
C ARG A 29 7.39 0.06 -6.10
N ALA A 30 8.35 0.97 -6.15
CA ALA A 30 8.15 2.25 -6.82
C ALA A 30 7.86 2.06 -8.29
N VAL A 31 6.64 2.38 -8.71
CA VAL A 31 6.27 2.33 -10.11
C VAL A 31 6.96 3.43 -10.92
N SER A 32 7.94 3.03 -11.71
CA SER A 32 8.70 3.94 -12.56
C SER A 32 7.83 5.01 -13.23
N SER A 33 8.23 6.27 -13.07
CA SER A 33 7.53 7.42 -13.65
C SER A 33 6.33 7.90 -12.84
N VAL A 34 5.88 7.08 -11.88
CA VAL A 34 4.83 7.49 -10.96
C VAL A 34 5.42 8.01 -9.65
N GLU A 35 6.31 7.21 -9.05
CA GLU A 35 7.00 7.59 -7.83
C GLU A 35 8.50 7.61 -8.00
N THR A 36 9.16 8.47 -7.23
CA THR A 36 10.62 8.48 -7.12
C THR A 36 11.03 8.36 -5.66
N VAL A 37 11.76 7.30 -5.33
CA VAL A 37 12.21 7.08 -3.97
C VAL A 37 13.73 7.11 -3.87
N ALA A 38 14.23 7.91 -2.93
CA ALA A 38 15.65 7.98 -2.64
C ALA A 38 15.93 7.70 -1.16
N ASP A 39 17.07 8.18 -0.68
CA ASP A 39 17.58 7.89 0.66
C ASP A 39 16.61 8.27 1.78
N SER A 40 16.20 9.53 1.78
CA SER A 40 15.25 10.02 2.76
C SER A 40 14.31 10.97 2.05
N TYR A 41 13.73 10.46 0.96
CA TYR A 41 12.96 11.29 0.05
C TYR A 41 11.96 10.41 -0.68
N TYR A 42 10.75 10.92 -0.86
CA TYR A 42 9.70 10.17 -1.55
C TYR A 42 8.79 11.11 -2.30
N ALA A 43 8.75 11.00 -3.62
CA ALA A 43 7.87 11.85 -4.43
C ALA A 43 6.90 11.02 -5.25
N ARG A 44 5.82 11.62 -5.72
CA ARG A 44 4.88 10.92 -6.56
C ARG A 44 3.83 11.85 -7.15
N SER A 45 3.21 11.42 -8.24
CA SER A 45 2.08 12.18 -8.77
C SER A 45 0.92 11.90 -7.84
N LEU A 46 -0.07 12.79 -7.83
CA LEU A 46 -1.22 12.62 -6.96
C LEU A 46 -2.43 13.32 -7.55
N ALA A 47 -3.55 12.60 -7.61
CA ALA A 47 -4.82 13.19 -7.99
C ALA A 47 -5.80 13.07 -6.83
N VAL A 48 -6.36 14.21 -6.41
CA VAL A 48 -7.40 14.19 -5.41
C VAL A 48 -8.62 14.75 -6.07
N GLY A 49 -9.55 13.86 -6.42
CA GLY A 49 -10.70 14.26 -7.20
C GLY A 49 -10.22 14.82 -8.52
N GLU A 50 -10.58 16.08 -8.79
CA GLU A 50 -10.27 16.69 -10.08
C GLU A 50 -8.89 17.38 -10.10
N TYR A 51 -8.31 17.59 -8.91
CA TYR A 51 -7.02 18.30 -8.79
C TYR A 51 -5.83 17.39 -9.01
N ARG A 52 -4.75 17.98 -9.50
CA ARG A 52 -3.58 17.22 -9.91
C ARG A 52 -2.30 17.88 -9.40
N GLY A 53 -1.27 17.08 -9.16
CA GLY A 53 -0.01 17.65 -8.69
C GLY A 53 0.99 16.63 -8.19
N VAL A 54 1.95 17.09 -7.39
CA VAL A 54 3.06 16.25 -6.92
C VAL A 54 3.32 16.45 -5.43
N VAL A 55 3.49 15.34 -4.69
CA VAL A 55 3.93 15.42 -3.30
C VAL A 55 5.34 14.96 -3.15
N THR A 56 6.12 15.69 -2.36
CA THR A 56 7.33 15.10 -1.84
C THR A 56 7.17 15.03 -0.35
N ALA A 57 7.77 14.00 0.24
CA ALA A 57 7.75 13.81 1.67
C ALA A 57 9.18 13.56 2.10
N ILE A 58 9.68 14.37 3.04
CA ILE A 58 11.04 14.20 3.55
C ILE A 58 11.04 14.09 5.08
N PRO A 59 11.45 12.94 5.62
CA PRO A 59 11.46 12.72 7.07
C PRO A 59 12.51 13.56 7.81
N ASP A 60 12.13 14.01 9.01
CA ASP A 60 13.05 14.72 9.87
C ASP A 60 13.06 14.00 11.21
N ILE A 61 14.07 13.16 11.41
CA ILE A 61 14.08 12.19 12.50
C ILE A 61 14.21 12.84 13.89
N ALA A 62 14.97 13.93 13.95
CA ALA A 62 15.27 14.56 15.23
C ALA A 62 14.07 15.33 15.78
N ARG A 63 13.28 15.94 14.89
CA ARG A 63 12.10 16.70 15.30
C ARG A 63 10.89 15.79 15.20
N HIS A 64 11.15 14.54 14.85
CA HIS A 64 10.13 13.53 14.54
C HIS A 64 8.90 14.08 13.82
N THR A 65 9.15 14.67 12.65
CA THR A 65 8.07 15.17 11.80
C THR A 65 8.39 14.80 10.37
N LEU A 66 7.38 14.85 9.51
CA LEU A 66 7.56 14.58 8.08
C LEU A 66 7.29 15.85 7.31
N HIS A 67 8.20 16.20 6.41
CA HIS A 67 8.04 17.43 5.62
C HIS A 67 7.42 17.17 4.25
N ILE A 68 6.34 17.90 3.98
CA ILE A 68 5.54 17.68 2.79
C ILE A 68 5.57 18.92 1.92
N ASN A 69 5.78 18.72 0.63
CA ASN A 69 5.82 19.81 -0.33
C ASN A 69 4.73 19.49 -1.35
N LEU A 70 3.88 20.46 -1.67
CA LEU A 70 2.82 20.22 -2.64
C LEU A 70 2.99 21.09 -3.88
N SER A 71 2.77 20.50 -5.04
CA SER A 71 2.68 21.27 -6.29
C SER A 71 1.50 22.23 -6.16
N ALA A 72 1.48 23.31 -6.94
CA ALA A 72 0.41 24.29 -6.79
C ALA A 72 -1.00 23.73 -7.08
N GLY A 73 -1.13 22.88 -8.08
CA GLY A 73 -2.41 22.27 -8.39
C GLY A 73 -3.02 21.45 -7.27
N LEU A 74 -2.25 21.15 -6.23
CA LEU A 74 -2.73 20.35 -5.10
C LEU A 74 -3.05 21.19 -3.85
N GLU A 75 -2.68 22.47 -3.89
CA GLU A 75 -2.91 23.35 -2.75
C GLU A 75 -4.36 23.40 -2.25
N PRO A 76 -5.34 23.47 -3.17
CA PRO A 76 -6.74 23.58 -2.72
C PRO A 76 -7.26 22.33 -2.00
N VAL A 77 -6.52 21.22 -2.09
CA VAL A 77 -6.94 20.00 -1.41
C VAL A 77 -5.81 19.46 -0.55
N ALA A 78 -5.02 20.37 0.00
CA ALA A 78 -3.88 19.98 0.83
C ALA A 78 -4.31 19.12 2.01
N ALA A 79 -5.34 19.58 2.73
CA ALA A 79 -5.82 18.79 3.86
C ALA A 79 -6.03 17.33 3.47
N GLU A 80 -6.64 17.07 2.32
CA GLU A 80 -6.85 15.68 1.90
C GLU A 80 -5.55 15.03 1.47
N CYS A 81 -4.72 15.75 0.73
CA CYS A 81 -3.40 15.22 0.39
C CYS A 81 -2.63 14.74 1.60
N LEU A 82 -2.61 15.53 2.67
CA LEU A 82 -1.90 15.15 3.90
C LEU A 82 -2.47 13.87 4.52
N ALA A 83 -3.79 13.70 4.41
CA ALA A 83 -4.46 12.50 4.89
C ALA A 83 -3.97 11.29 4.13
N LYS A 84 -3.68 11.46 2.85
CA LYS A 84 -3.19 10.35 2.05
C LYS A 84 -1.75 10.01 2.45
N MET A 85 -0.97 11.05 2.72
CA MET A 85 0.39 10.86 3.21
C MET A 85 0.39 10.17 4.57
N SER A 86 -0.58 10.52 5.41
CA SER A 86 -0.71 9.90 6.72
C SER A 86 -1.06 8.44 6.64
N ARG A 87 -1.91 8.08 5.67
CA ARG A 87 -2.30 6.68 5.49
C ARG A 87 -1.23 5.95 4.70
N LEU A 88 -0.55 6.66 3.81
CA LEU A 88 0.57 6.07 3.10
C LEU A 88 1.66 5.69 4.08
N PHE A 89 1.86 6.53 5.09
CA PHE A 89 2.99 6.34 6.02
C PHE A 89 2.66 5.80 7.42
N ASP A 90 1.37 5.71 7.76
CA ASP A 90 0.99 5.16 9.06
C ASP A 90 1.45 6.10 10.18
N LEU A 91 1.17 7.39 10.03
CA LEU A 91 1.67 8.41 10.95
C LEU A 91 0.89 8.53 12.25
N GLN A 92 -0.36 8.08 12.25
CA GLN A 92 -1.20 8.18 13.44
C GLN A 92 -1.08 6.95 14.33
N CYS A 93 -0.15 6.07 13.98
CA CYS A 93 0.05 4.86 14.75
C CYS A 93 0.62 5.20 16.13
N ASN A 94 0.08 4.56 17.17
CA ASN A 94 0.67 4.61 18.50
C ASN A 94 1.49 3.35 18.78
N PRO A 95 2.80 3.42 18.47
CA PRO A 95 3.77 2.32 18.53
C PRO A 95 3.87 1.67 19.90
N GLN A 96 3.75 2.44 20.98
CA GLN A 96 3.85 1.84 22.32
C GLN A 96 2.71 0.86 22.55
N ILE A 97 1.51 1.25 22.13
CA ILE A 97 0.33 0.39 22.23
C ILE A 97 0.50 -0.86 21.36
N VAL A 98 0.98 -0.67 20.14
CA VAL A 98 1.15 -1.78 19.22
C VAL A 98 2.22 -2.73 19.71
N ASN A 99 3.41 -2.20 19.99
CA ASN A 99 4.53 -3.04 20.38
C ASN A 99 4.35 -3.63 21.77
N GLY A 100 3.55 -2.95 22.59
CA GLY A 100 3.19 -3.51 23.88
C GLY A 100 2.41 -4.79 23.65
N ALA A 101 1.42 -4.70 22.77
CA ALA A 101 0.53 -5.82 22.45
C ALA A 101 1.19 -6.89 21.57
N LEU A 102 2.32 -6.58 20.95
CA LEU A 102 3.06 -7.59 20.20
C LEU A 102 4.08 -8.31 21.07
N GLY A 103 4.34 -7.76 22.26
CA GLY A 103 5.32 -8.33 23.18
C GLY A 103 6.69 -8.54 22.57
N ARG A 104 7.12 -9.81 22.54
CA ARG A 104 8.44 -10.19 22.06
C ARG A 104 8.57 -10.03 20.55
N LEU A 105 7.45 -10.19 19.86
CA LEU A 105 7.45 -10.07 18.42
C LEU A 105 7.85 -8.65 17.98
N GLY A 106 7.47 -7.64 18.77
CA GLY A 106 7.76 -6.26 18.41
C GLY A 106 9.14 -5.76 18.80
N ALA A 107 9.82 -6.47 19.71
CA ALA A 107 11.07 -6.00 20.31
C ALA A 107 12.23 -5.68 19.36
N ALA A 108 12.39 -6.48 18.32
CA ALA A 108 13.55 -6.41 17.45
C ALA A 108 13.60 -5.14 16.61
N ARG A 109 12.45 -4.80 16.03
CA ARG A 109 12.34 -3.57 15.27
C ARG A 109 10.96 -2.93 15.47
N PRO A 110 10.82 -2.20 16.59
CA PRO A 110 9.63 -1.45 17.04
C PRO A 110 9.21 -0.32 16.08
N GLY A 111 10.14 0.15 15.25
CA GLY A 111 9.82 1.19 14.28
C GLY A 111 9.17 0.70 12.99
N LEU A 112 8.75 -0.57 12.94
CA LEU A 112 7.99 -1.07 11.80
C LEU A 112 6.58 -0.47 11.78
N ARG A 113 6.23 0.12 10.65
CA ARG A 113 4.88 0.64 10.43
C ARG A 113 4.18 -0.15 9.34
N LEU A 114 2.91 0.15 9.12
CA LEU A 114 2.13 -0.50 8.07
C LEU A 114 2.17 0.34 6.79
N PRO A 115 2.95 -0.10 5.79
CA PRO A 115 3.04 0.71 4.57
C PRO A 115 1.68 0.71 3.88
N GLY A 116 1.07 1.88 3.80
CA GLY A 116 -0.28 1.99 3.26
C GLY A 116 -0.26 2.43 1.81
N CYS A 117 -1.12 3.39 1.46
CA CYS A 117 -1.30 3.80 0.09
C CYS A 117 -2.02 5.15 -0.01
N VAL A 118 -2.20 5.63 -1.23
CA VAL A 118 -2.81 6.92 -1.44
C VAL A 118 -4.21 6.78 -2.00
N ASP A 119 -4.43 5.72 -2.76
CA ASP A 119 -5.69 5.50 -3.42
C ASP A 119 -6.03 4.03 -3.29
N ALA A 120 -7.23 3.75 -2.79
CA ALA A 120 -7.65 2.37 -2.55
C ALA A 120 -7.66 1.55 -3.83
N PHE A 121 -8.11 2.18 -4.92
CA PHE A 121 -8.18 1.50 -6.21
C PHE A 121 -6.78 1.19 -6.72
N GLU A 122 -5.90 2.17 -6.65
CA GLU A 122 -4.51 1.99 -7.04
C GLU A 122 -3.88 0.78 -6.35
N GLN A 123 -4.02 0.72 -5.03
CA GLN A 123 -3.55 -0.46 -4.34
C GLN A 123 -4.16 -1.71 -4.97
N GLY A 124 -5.43 -1.62 -5.36
CA GLY A 124 -6.13 -2.75 -5.96
C GLY A 124 -5.44 -3.32 -7.19
N VAL A 125 -5.15 -2.44 -8.14
CA VAL A 125 -4.39 -2.82 -9.33
C VAL A 125 -3.07 -3.48 -8.94
N ARG A 126 -2.39 -2.91 -7.94
CA ARG A 126 -1.14 -3.46 -7.45
C ARG A 126 -1.32 -4.86 -6.86
N ALA A 127 -2.26 -5.01 -5.95
CA ALA A 127 -2.46 -6.30 -5.28
C ALA A 127 -2.67 -7.43 -6.29
N ILE A 128 -3.31 -7.11 -7.42
CA ILE A 128 -3.54 -8.06 -8.50
C ILE A 128 -2.23 -8.25 -9.26
N LEU A 129 -1.74 -7.16 -9.84
CA LEU A 129 -0.54 -7.22 -10.65
C LEU A 129 0.63 -7.82 -9.90
N GLY A 130 0.58 -7.78 -8.58
CA GLY A 130 1.65 -8.33 -7.75
C GLY A 130 1.52 -9.82 -7.50
N GLN A 131 0.50 -10.43 -8.07
CA GLN A 131 0.24 -11.87 -7.87
C GLN A 131 1.23 -12.78 -8.60
N CYS A 132 1.74 -13.77 -7.89
CA CYS A 132 2.57 -14.81 -8.49
C CYS A 132 3.92 -14.32 -9.04
N VAL A 133 4.31 -13.09 -8.70
CA VAL A 133 5.56 -12.53 -9.24
C VAL A 133 6.38 -11.70 -8.25
N SER A 134 7.69 -11.69 -8.44
CA SER A 134 8.60 -10.95 -7.56
C SER A 134 8.20 -9.48 -7.44
N VAL A 135 8.40 -8.91 -6.25
CA VAL A 135 8.15 -7.49 -6.02
C VAL A 135 8.63 -6.67 -7.22
N ALA A 136 9.83 -7.00 -7.69
CA ALA A 136 10.47 -6.27 -8.78
C ALA A 136 9.70 -6.39 -10.08
N MET A 137 9.29 -7.62 -10.42
CA MET A 137 8.55 -7.87 -11.65
C MET A 137 7.23 -7.11 -11.71
N ALA A 138 6.46 -7.19 -10.62
CA ALA A 138 5.24 -6.40 -10.48
C ALA A 138 5.49 -4.92 -10.77
N ALA A 139 6.61 -4.39 -10.27
CA ALA A 139 6.93 -2.99 -10.50
C ALA A 139 7.11 -2.67 -11.98
N LYS A 140 7.86 -3.51 -12.71
CA LYS A 140 8.09 -3.25 -14.12
C LYS A 140 6.77 -3.37 -14.88
N LEU A 141 6.00 -4.39 -14.51
CA LEU A 141 4.68 -4.61 -15.08
C LEU A 141 3.80 -3.38 -14.88
N THR A 142 3.66 -2.95 -13.63
CA THR A 142 2.87 -1.76 -13.30
C THR A 142 3.38 -0.52 -14.02
N ALA A 143 4.67 -0.51 -14.34
CA ALA A 143 5.23 0.61 -15.08
C ALA A 143 4.69 0.65 -16.50
N ARG A 144 4.63 -0.51 -17.14
CA ARG A 144 4.15 -0.61 -18.52
C ARG A 144 2.67 -0.23 -18.65
N VAL A 145 1.87 -0.66 -17.67
CA VAL A 145 0.45 -0.32 -17.61
C VAL A 145 0.24 1.17 -17.45
N ALA A 146 0.91 1.75 -16.46
CA ALA A 146 0.79 3.18 -16.17
C ALA A 146 1.17 3.98 -17.39
N GLN A 147 2.35 3.70 -17.93
CA GLN A 147 2.81 4.39 -19.13
C GLN A 147 1.74 4.39 -20.23
N LEU A 148 1.01 3.28 -20.33
CA LEU A 148 -0.01 3.15 -21.37
C LEU A 148 -1.32 3.86 -21.02
N TYR A 149 -1.82 3.66 -19.81
CA TYR A 149 -3.11 4.23 -19.40
C TYR A 149 -3.00 5.41 -18.45
N GLY A 150 -1.80 5.65 -17.95
CA GLY A 150 -1.55 6.80 -17.08
C GLY A 150 -1.76 8.13 -17.76
N GLU A 151 -2.16 9.13 -16.98
CA GLU A 151 -2.41 10.47 -17.49
C GLU A 151 -1.26 11.40 -17.09
N ARG A 152 -0.59 12.04 -18.06
CA ARG A 152 0.56 12.87 -17.75
C ARG A 152 0.20 14.17 -17.04
N LEU A 153 1.16 14.75 -16.33
CA LEU A 153 0.94 16.02 -15.63
C LEU A 153 1.24 17.21 -16.52
N ASP A 154 0.34 18.19 -16.52
CA ASP A 154 0.46 19.36 -17.37
C ASP A 154 1.69 20.18 -17.04
N ASP A 155 2.11 20.11 -15.79
CA ASP A 155 3.17 20.98 -15.29
C ASP A 155 4.35 20.22 -14.69
N PHE A 156 4.26 18.89 -14.73
CA PHE A 156 5.41 18.04 -14.41
C PHE A 156 5.46 16.87 -15.39
N PRO A 157 5.83 17.16 -16.64
CA PRO A 157 5.93 16.20 -17.75
C PRO A 157 6.59 14.91 -17.34
N GLU A 158 7.64 15.04 -16.54
CA GLU A 158 8.41 13.89 -16.10
C GLU A 158 7.55 12.91 -15.29
N TYR A 159 6.38 13.38 -14.84
CA TYR A 159 5.50 12.58 -13.98
C TYR A 159 4.19 12.16 -14.64
N ILE A 160 3.74 10.96 -14.30
CA ILE A 160 2.46 10.49 -14.81
C ILE A 160 1.58 9.96 -13.67
N CYS A 161 0.27 10.24 -13.76
CA CYS A 161 -0.68 9.74 -12.78
C CYS A 161 -1.03 8.26 -12.97
N PHE A 162 -1.12 7.53 -11.87
CA PHE A 162 -1.63 6.17 -11.94
C PHE A 162 -2.94 6.20 -12.70
N PRO A 163 -3.14 5.22 -13.60
CA PRO A 163 -4.35 5.12 -14.43
C PRO A 163 -5.63 5.15 -13.59
N THR A 164 -6.62 5.88 -14.07
CA THR A 164 -7.89 6.05 -13.36
C THR A 164 -8.77 4.81 -13.52
N PRO A 165 -9.84 4.71 -12.71
CA PRO A 165 -10.84 3.66 -12.93
C PRO A 165 -11.45 3.83 -14.31
N GLN A 166 -11.66 5.07 -14.73
CA GLN A 166 -12.24 5.36 -16.03
C GLN A 166 -11.42 4.73 -17.16
N ARG A 167 -10.18 5.22 -17.36
CA ARG A 167 -9.39 4.77 -18.50
C ARG A 167 -9.00 3.29 -18.45
N LEU A 168 -9.24 2.64 -17.31
CA LEU A 168 -8.76 1.28 -17.09
C LEU A 168 -9.88 0.26 -17.30
N ALA A 169 -11.09 0.65 -16.92
CA ALA A 169 -12.26 -0.20 -17.13
C ALA A 169 -12.66 -0.16 -18.61
N ALA A 170 -12.01 0.75 -19.34
CA ALA A 170 -12.20 0.85 -20.78
C ALA A 170 -11.02 0.23 -21.52
N ALA A 171 -10.12 -0.41 -20.78
CA ALA A 171 -8.94 -1.00 -21.40
C ALA A 171 -9.31 -2.27 -22.14
N ASP A 172 -8.60 -2.54 -23.23
CA ASP A 172 -8.80 -3.74 -24.02
C ASP A 172 -8.03 -4.91 -23.40
N PRO A 173 -8.76 -5.95 -22.96
CA PRO A 173 -8.14 -7.09 -22.29
C PRO A 173 -6.95 -7.67 -23.06
N GLN A 174 -6.83 -7.31 -24.33
CA GLN A 174 -5.80 -7.88 -25.17
C GLN A 174 -4.52 -7.05 -25.11
N ALA A 175 -4.70 -5.72 -25.02
CA ALA A 175 -3.59 -4.79 -24.89
C ALA A 175 -2.91 -4.98 -23.54
N LEU A 176 -3.72 -5.28 -22.53
CA LEU A 176 -3.22 -5.61 -21.20
C LEU A 176 -2.35 -6.85 -21.21
N LYS A 177 -2.87 -7.96 -21.72
CA LYS A 177 -2.15 -9.23 -21.71
C LYS A 177 -0.76 -9.08 -22.35
N ALA A 178 -0.68 -8.26 -23.39
CA ALA A 178 0.57 -8.04 -24.13
C ALA A 178 1.67 -7.44 -23.26
N LEU A 179 1.29 -6.54 -22.34
CA LEU A 179 2.24 -5.91 -21.44
C LEU A 179 2.92 -6.97 -20.57
N GLY A 180 2.33 -8.16 -20.52
CA GLY A 180 2.98 -9.28 -19.87
C GLY A 180 2.24 -9.92 -18.72
N MET A 181 0.97 -10.24 -18.93
CA MET A 181 0.18 -10.95 -17.93
C MET A 181 -0.85 -11.88 -18.57
N PRO A 182 -1.23 -12.95 -17.86
CA PRO A 182 -2.30 -13.84 -18.26
C PRO A 182 -3.53 -13.03 -18.63
N LEU A 183 -4.43 -13.59 -19.43
CA LEU A 183 -5.63 -12.87 -19.82
C LEU A 183 -6.57 -12.72 -18.64
N LYS A 184 -6.75 -13.82 -17.91
CA LYS A 184 -7.59 -13.85 -16.72
C LYS A 184 -7.31 -12.65 -15.80
N ARG A 185 -6.04 -12.33 -15.62
CA ARG A 185 -5.64 -11.19 -14.81
C ARG A 185 -6.12 -9.88 -15.43
N ALA A 186 -5.80 -9.68 -16.71
CA ALA A 186 -6.28 -8.52 -17.43
C ALA A 186 -7.77 -8.25 -17.18
N GLU A 187 -8.54 -9.30 -16.96
CA GLU A 187 -9.97 -9.15 -16.69
C GLU A 187 -10.24 -8.72 -15.24
N ALA A 188 -9.52 -9.33 -14.29
CA ALA A 188 -9.59 -8.93 -12.88
C ALA A 188 -9.35 -7.43 -12.72
N LEU A 189 -8.33 -6.94 -13.40
CA LEU A 189 -8.02 -5.52 -13.40
C LEU A 189 -9.22 -4.73 -13.87
N ILE A 190 -9.82 -5.20 -14.97
CA ILE A 190 -10.96 -4.52 -15.58
C ILE A 190 -12.20 -4.66 -14.71
N HIS A 191 -12.32 -5.78 -14.02
CA HIS A 191 -13.47 -5.95 -13.15
C HIS A 191 -13.36 -5.03 -11.96
N LEU A 192 -12.17 -5.02 -11.35
CA LEU A 192 -11.89 -4.08 -10.30
C LEU A 192 -12.17 -2.67 -10.79
N ALA A 193 -11.53 -2.30 -11.88
CA ALA A 193 -11.71 -0.96 -12.45
C ALA A 193 -13.18 -0.58 -12.55
N ASN A 194 -14.03 -1.56 -12.86
CA ASN A 194 -15.47 -1.33 -12.97
C ASN A 194 -16.19 -1.22 -11.63
N ALA A 195 -15.78 -2.06 -10.68
CA ALA A 195 -16.32 -2.00 -9.33
C ALA A 195 -16.18 -0.57 -8.81
N ALA A 196 -14.94 -0.08 -8.79
CA ALA A 196 -14.65 1.26 -8.31
C ALA A 196 -15.57 2.29 -8.96
N LEU A 197 -15.86 2.07 -10.24
CA LEU A 197 -16.57 3.06 -11.05
C LEU A 197 -18.06 3.16 -10.72
N GLU A 198 -18.64 2.04 -10.28
CA GLU A 198 -20.01 2.07 -9.78
C GLU A 198 -20.02 2.46 -8.29
N GLY A 199 -19.23 1.75 -7.48
CA GLY A 199 -19.14 2.01 -6.06
C GLY A 199 -19.20 0.72 -5.27
N THR A 200 -18.90 -0.39 -5.94
CA THR A 200 -18.96 -1.72 -5.32
C THR A 200 -17.66 -2.03 -4.58
N LEU A 201 -16.60 -1.29 -4.90
CA LEU A 201 -15.33 -1.40 -4.17
C LEU A 201 -15.17 -0.21 -3.22
N PRO A 202 -15.20 -0.49 -1.90
CA PRO A 202 -15.06 0.50 -0.84
C PRO A 202 -13.72 1.23 -0.94
N MET A 203 -13.76 2.56 -1.00
CA MET A 203 -12.57 3.38 -1.16
C MET A 203 -11.95 3.78 0.18
N THR A 204 -12.69 3.57 1.27
CA THR A 204 -12.15 3.79 2.60
C THR A 204 -12.39 2.53 3.40
N ILE A 205 -11.84 2.48 4.61
CA ILE A 205 -11.96 1.29 5.43
C ILE A 205 -13.41 1.12 5.89
N PRO A 206 -14.05 0.02 5.45
CA PRO A 206 -15.39 -0.42 5.85
C PRO A 206 -15.50 -0.72 7.36
N GLY A 207 -16.72 -0.60 7.90
CA GLY A 207 -17.00 -0.89 9.29
C GLY A 207 -16.75 -2.35 9.65
N ASP A 208 -17.39 -3.25 8.91
CA ASP A 208 -17.10 -4.67 9.06
C ASP A 208 -16.07 -5.05 8.01
N VAL A 209 -14.81 -5.03 8.40
CA VAL A 209 -13.71 -5.35 7.48
C VAL A 209 -13.76 -6.82 7.05
N GLU A 210 -13.84 -7.69 8.04
CA GLU A 210 -13.98 -9.13 7.84
C GLU A 210 -15.09 -9.50 6.82
N GLN A 211 -16.15 -8.71 6.79
CA GLN A 211 -17.27 -8.98 5.90
C GLN A 211 -17.07 -8.41 4.50
N ALA A 212 -16.26 -7.36 4.40
CA ALA A 212 -15.99 -6.75 3.12
C ALA A 212 -14.92 -7.53 2.33
N MET A 213 -14.06 -8.26 3.04
CA MET A 213 -13.07 -9.12 2.41
C MET A 213 -13.76 -10.32 1.78
N LYS A 214 -14.74 -10.84 2.50
CA LYS A 214 -15.64 -11.85 1.99
C LYS A 214 -16.07 -11.45 0.59
N THR A 215 -16.78 -10.33 0.53
CA THR A 215 -17.32 -9.78 -0.71
C THR A 215 -16.28 -9.65 -1.82
N LEU A 216 -15.07 -9.24 -1.44
CA LEU A 216 -13.96 -9.09 -2.38
C LEU A 216 -13.59 -10.37 -3.11
N GLN A 217 -13.43 -11.45 -2.37
CA GLN A 217 -12.95 -12.70 -2.94
C GLN A 217 -13.85 -13.22 -4.08
N THR A 218 -15.09 -12.75 -4.11
CA THR A 218 -15.99 -13.14 -5.19
C THR A 218 -15.43 -12.64 -6.52
N PHE A 219 -14.93 -11.41 -6.52
CA PHE A 219 -14.22 -10.86 -7.66
C PHE A 219 -13.29 -11.91 -8.24
N PRO A 220 -13.28 -12.00 -9.58
CA PRO A 220 -12.41 -12.88 -10.37
C PRO A 220 -10.95 -12.48 -10.24
N GLY A 221 -10.09 -13.45 -9.93
CA GLY A 221 -8.67 -13.18 -9.78
C GLY A 221 -8.27 -12.84 -8.36
N ILE A 222 -9.27 -12.61 -7.52
CA ILE A 222 -9.03 -12.20 -6.14
C ILE A 222 -9.36 -13.31 -5.15
N GLY A 223 -8.32 -13.96 -4.64
CA GLY A 223 -8.52 -15.02 -3.68
C GLY A 223 -8.43 -14.50 -2.25
N ARG A 224 -8.39 -15.43 -1.29
CA ARG A 224 -8.31 -15.08 0.12
C ARG A 224 -7.07 -14.23 0.40
N TRP A 225 -5.95 -14.61 -0.18
CA TRP A 225 -4.69 -13.91 0.06
C TRP A 225 -4.72 -12.49 -0.51
N THR A 226 -4.95 -12.37 -1.81
CA THR A 226 -5.00 -11.06 -2.44
C THR A 226 -5.99 -10.12 -1.74
N ALA A 227 -7.12 -10.65 -1.31
CA ALA A 227 -8.10 -9.83 -0.61
C ALA A 227 -7.53 -9.37 0.74
N ASN A 228 -6.76 -10.23 1.40
CA ASN A 228 -6.12 -9.86 2.66
C ASN A 228 -5.09 -8.77 2.45
N TYR A 229 -4.05 -9.07 1.69
CA TYR A 229 -3.00 -8.09 1.42
C TYR A 229 -3.63 -6.77 1.03
N PHE A 230 -4.73 -6.80 0.30
CA PHE A 230 -5.37 -5.55 -0.11
C PHE A 230 -6.02 -4.80 1.06
N ALA A 231 -6.67 -5.52 1.97
CA ALA A 231 -7.23 -4.86 3.14
C ALA A 231 -6.11 -4.18 3.94
N LEU A 232 -4.98 -4.86 4.04
CA LEU A 232 -3.82 -4.36 4.78
C LEU A 232 -3.26 -3.08 4.18
N ARG A 233 -2.71 -3.19 2.97
CA ARG A 233 -2.10 -2.05 2.30
C ARG A 233 -3.14 -1.08 1.75
N GLY A 234 -4.33 -1.62 1.48
CA GLY A 234 -5.40 -0.86 0.85
C GLY A 234 -6.32 -0.10 1.77
N TRP A 235 -6.85 -0.76 2.80
CA TRP A 235 -7.66 -0.05 3.78
C TRP A 235 -6.86 0.27 5.04
N GLN A 236 -5.62 -0.21 5.09
CA GLN A 236 -4.79 -0.02 6.26
C GLN A 236 -5.55 -0.56 7.45
N ALA A 237 -6.09 -1.76 7.28
CA ALA A 237 -6.76 -2.45 8.35
C ALA A 237 -5.66 -3.02 9.19
N LYS A 238 -5.74 -2.83 10.50
CA LYS A 238 -4.64 -3.20 11.37
C LYS A 238 -4.82 -4.56 12.02
N ASP A 239 -5.99 -5.16 11.86
CA ASP A 239 -6.26 -6.48 12.45
C ASP A 239 -6.47 -7.58 11.41
N VAL A 240 -5.45 -7.84 10.59
CA VAL A 240 -5.58 -8.76 9.46
C VAL A 240 -4.39 -9.71 9.38
N PHE A 241 -4.65 -10.97 9.09
CA PHE A 241 -3.61 -12.00 9.14
C PHE A 241 -3.68 -13.04 8.01
N LEU A 242 -2.49 -13.44 7.53
CA LEU A 242 -2.34 -14.35 6.41
C LEU A 242 -1.77 -15.70 6.86
N PRO A 243 -2.61 -16.55 7.47
CA PRO A 243 -2.18 -17.87 7.95
C PRO A 243 -1.81 -18.78 6.79
N ASP A 244 -2.30 -18.46 5.60
CA ASP A 244 -2.07 -19.28 4.41
C ASP A 244 -0.92 -18.76 3.55
N ASP A 245 -0.40 -17.58 3.90
CA ASP A 245 0.83 -17.09 3.30
C ASP A 245 1.92 -18.14 3.50
N TYR A 246 2.79 -18.31 2.51
CA TYR A 246 3.77 -19.38 2.59
C TYR A 246 4.92 -19.07 3.52
N LEU A 247 5.47 -17.86 3.40
CA LEU A 247 6.62 -17.48 4.19
C LEU A 247 6.29 -17.51 5.68
N ILE A 248 5.01 -17.37 5.99
CA ILE A 248 4.55 -17.44 7.38
C ILE A 248 4.51 -18.87 7.89
N LYS A 249 3.83 -19.75 7.16
CA LYS A 249 3.73 -21.12 7.61
C LYS A 249 5.11 -21.80 7.59
N GLN A 250 6.04 -21.23 6.84
CA GLN A 250 7.43 -21.68 6.91
C GLN A 250 8.00 -21.44 8.30
N ARG A 251 7.42 -20.50 9.04
CA ARG A 251 7.87 -20.24 10.41
C ARG A 251 7.02 -20.96 11.44
N PHE A 252 5.86 -21.47 11.02
CA PHE A 252 5.03 -22.33 11.86
C PHE A 252 5.11 -23.77 11.39
N PRO A 253 6.24 -24.44 11.64
CA PRO A 253 6.49 -25.81 11.19
C PRO A 253 5.27 -26.70 11.36
N GLY A 254 4.79 -27.25 10.25
CA GLY A 254 3.64 -28.13 10.27
C GLY A 254 2.50 -27.58 11.11
N MET A 255 1.71 -26.69 10.50
CA MET A 255 0.50 -26.19 11.12
C MET A 255 -0.56 -25.87 10.06
N THR A 256 -1.82 -26.06 10.43
CA THR A 256 -2.92 -25.75 9.54
C THR A 256 -3.24 -24.26 9.59
N PRO A 257 -3.74 -23.72 8.46
CA PRO A 257 -4.27 -22.35 8.39
C PRO A 257 -5.39 -22.12 9.40
N ALA A 258 -5.46 -22.97 10.41
CA ALA A 258 -6.42 -22.81 11.49
C ALA A 258 -5.67 -22.94 12.81
N GLN A 259 -4.65 -23.79 12.81
CA GLN A 259 -3.74 -23.91 13.95
C GLN A 259 -2.98 -22.61 14.16
N ILE A 260 -2.85 -21.86 13.07
CA ILE A 260 -2.18 -20.56 13.09
C ILE A 260 -3.21 -19.46 13.34
N ARG A 261 -4.26 -19.42 12.52
CA ARG A 261 -5.37 -18.49 12.70
C ARG A 261 -5.75 -18.26 14.16
N ARG A 262 -5.63 -19.30 14.98
CA ARG A 262 -5.96 -19.20 16.40
C ARG A 262 -4.77 -18.69 17.23
N TYR A 263 -3.57 -19.12 16.85
CA TYR A 263 -2.37 -18.66 17.53
C TYR A 263 -2.28 -17.14 17.45
N ALA A 264 -2.74 -16.57 16.34
CA ALA A 264 -2.63 -15.14 16.11
C ALA A 264 -3.80 -14.35 16.69
N GLU A 265 -4.58 -15.00 17.56
CA GLU A 265 -5.63 -14.29 18.27
C GLU A 265 -5.03 -13.62 19.49
N ARG A 266 -3.85 -14.12 19.89
CA ARG A 266 -3.08 -13.56 20.98
C ARG A 266 -2.46 -12.23 20.59
N TRP A 267 -2.79 -11.75 19.39
CA TRP A 267 -2.25 -10.51 18.88
C TRP A 267 -3.34 -9.57 18.39
N LYS A 268 -4.58 -9.95 18.64
CA LYS A 268 -5.71 -9.10 18.34
C LYS A 268 -5.54 -7.89 19.26
N PRO A 269 -5.89 -6.68 18.79
CA PRO A 269 -6.43 -6.23 17.50
C PRO A 269 -5.36 -5.63 16.58
N TRP A 270 -4.15 -6.19 16.60
CA TRP A 270 -3.03 -5.64 15.87
C TRP A 270 -2.36 -6.74 15.06
N ARG A 271 -3.17 -7.58 14.45
CA ARG A 271 -2.67 -8.74 13.76
C ARG A 271 -1.83 -8.35 12.54
N SER A 272 -2.22 -7.27 11.87
CA SER A 272 -1.46 -6.77 10.72
C SER A 272 -0.01 -6.44 11.08
N TYR A 273 0.18 -5.76 12.22
CA TYR A 273 1.53 -5.45 12.67
C TYR A 273 2.27 -6.73 13.02
N ALA A 274 1.56 -7.71 13.59
CA ALA A 274 2.17 -9.01 13.90
C ALA A 274 2.70 -9.65 12.62
N LEU A 275 1.84 -9.69 11.61
CA LEU A 275 2.16 -10.20 10.29
C LEU A 275 3.42 -9.56 9.71
N LEU A 276 3.41 -8.23 9.61
CA LEU A 276 4.56 -7.50 9.07
C LEU A 276 5.86 -7.86 9.80
N HIS A 277 5.78 -7.92 11.12
CA HIS A 277 6.94 -8.23 11.92
C HIS A 277 7.53 -9.59 11.56
N ILE A 278 6.79 -10.65 11.82
CA ILE A 278 7.25 -11.99 11.49
C ILE A 278 7.95 -12.03 10.14
N TRP A 279 7.41 -11.33 9.15
CA TRP A 279 8.02 -11.30 7.82
C TRP A 279 9.41 -10.70 7.82
N TYR A 280 9.50 -9.44 8.23
CA TYR A 280 10.76 -8.70 8.15
C TYR A 280 11.58 -8.79 9.42
N THR A 281 11.28 -9.78 10.25
CA THR A 281 12.10 -10.08 11.40
C THR A 281 12.47 -11.57 11.36
N GLU A 282 13.58 -11.86 10.67
CA GLU A 282 13.89 -13.24 10.29
C GLU A 282 14.34 -14.10 11.47
N GLY A 283 14.98 -13.46 12.45
CA GLY A 283 15.51 -14.16 13.61
C GLY A 283 14.44 -14.64 14.57
N TRP A 284 13.21 -14.22 14.33
CA TRP A 284 12.09 -14.54 15.21
C TRP A 284 11.68 -15.99 15.06
N GLN A 285 11.26 -16.59 16.17
CA GLN A 285 10.71 -17.95 16.15
C GLN A 285 9.61 -18.07 17.20
N PRO A 286 8.48 -18.66 16.82
CA PRO A 286 7.27 -18.80 17.65
C PRO A 286 7.48 -19.47 19.02
N ASP A 287 6.48 -19.35 19.87
CA ASP A 287 6.47 -20.03 21.18
C ASP A 287 5.80 -21.39 21.02
N GLU A 288 6.50 -22.44 21.42
CA GLU A 288 5.98 -23.81 21.30
C GLU A 288 4.82 -24.06 22.25
N1 BRU C 3 -8.40 -30.39 -3.78
C2 BRU C 3 -8.91 -29.15 -4.18
N3 BRU C 3 -8.46 -27.98 -3.55
C4 BRU C 3 -7.49 -28.05 -2.55
C5 BRU C 3 -6.97 -29.30 -2.18
C6 BRU C 3 -7.43 -30.46 -2.79
O2 BRU C 3 -9.78 -29.09 -5.06
O4 BRU C 3 -7.09 -27.02 -2.02
BR BRU C 3 -5.65 -29.46 -0.83
C1' BRU C 3 -8.83 -31.65 -4.41
C2' BRU C 3 -7.56 -32.11 -5.09
C3' BRU C 3 -7.71 -33.63 -5.10
C4' BRU C 3 -8.79 -33.91 -4.05
O3' BRU C 3 -8.15 -34.04 -6.40
O4' BRU C 3 -9.05 -32.65 -3.41
C5' BRU C 3 -8.18 -34.93 -3.08
O5' BRU C 3 -8.74 -34.79 -1.77
P BRU C 3 -7.76 -34.74 -0.48
OP1 BRU C 3 -7.08 -36.02 -0.22
OP2 BRU C 3 -6.71 -33.54 -0.79
N1 BRU C 7 0.81 -20.30 -13.29
C2 BRU C 7 1.54 -21.01 -12.32
N3 BRU C 7 1.57 -22.41 -12.36
C4 BRU C 7 0.87 -23.10 -13.37
C5 BRU C 7 0.15 -22.38 -14.33
C6 BRU C 7 0.13 -21.00 -14.28
O2 BRU C 7 2.15 -20.40 -11.44
O4 BRU C 7 0.91 -24.32 -13.39
BR BRU C 7 -0.82 -23.23 -15.73
C1' BRU C 7 0.74 -18.83 -13.29
C2' BRU C 7 1.97 -18.27 -13.99
C3' BRU C 7 1.47 -17.68 -15.29
C4' BRU C 7 -0.04 -17.58 -15.14
O3' BRU C 7 1.98 -16.35 -15.40
O4' BRU C 7 -0.42 -18.51 -14.10
C5' BRU C 7 -0.67 -18.03 -16.47
O5' BRU C 7 -2.09 -18.17 -16.35
P BRU C 7 -2.91 -19.19 -17.29
OP1 BRU C 7 -3.34 -18.55 -18.55
OP2 BRU C 7 -1.91 -20.44 -17.55
#